data_6WU7
#
_entry.id   6WU7
#
_cell.length_a   84.386
_cell.length_b   84.386
_cell.length_c   125.821
_cell.angle_alpha   90.000
_cell.angle_beta   90.000
_cell.angle_gamma   120.000
#
_symmetry.space_group_name_H-M   'P 31 2 1'
#
loop_
_entity.id
_entity.type
_entity.pdbx_description
1 polymer 'Calcium and integrin-binding family member 3'
2 non-polymer 'CALCIUM ION'
3 non-polymer 'ACETATE ION'
4 water water
#
_entity_poly.entity_id   1
_entity_poly.type   'polypeptide(L)'
_entity_poly.pdbx_seq_one_letter_code
;GSHMMGNKQTVFTHEQLEAYQDCTFFTRKEIMRLFYRYQDLAPQLVPLDYTTCPDVKVPYELIGSMPELKDNPFRQRIAQ
VFSEDGDGHMTLDNFLDMFSVMSEMAPRDLKAYYAFKIYDFNNDDYICAWDLEQTVTKLTRGELSAEEVSLVCQHVLDEA
DGDHDGRLSLEDFQNMILRAPDFLSTFHIRI
;
_entity_poly.pdbx_strand_id   A,B
#
loop_
_chem_comp.id
_chem_comp.type
_chem_comp.name
_chem_comp.formula
ACT non-polymer 'ACETATE ION' 'C2 H3 O2 -1'
CA non-polymer 'CALCIUM ION' 'Ca 2'
#
# COMPACT_ATOMS: atom_id res chain seq x y z
N GLN A 9 -14.90 28.72 -1.12
CA GLN A 9 -14.15 28.30 -2.28
C GLN A 9 -14.24 29.27 -3.47
N THR A 10 -13.17 29.95 -3.82
CA THR A 10 -13.16 30.85 -4.96
C THR A 10 -12.30 30.44 -6.18
N VAL A 11 -11.87 29.20 -6.31
CA VAL A 11 -11.01 28.78 -7.40
C VAL A 11 -11.77 28.33 -8.63
N PHE A 12 -12.75 27.48 -8.46
CA PHE A 12 -13.51 26.94 -9.54
C PHE A 12 -15.00 27.28 -9.50
N THR A 13 -15.64 27.10 -10.64
CA THR A 13 -17.06 27.21 -10.72
C THR A 13 -17.64 25.92 -10.22
N HIS A 14 -18.88 25.96 -9.81
CA HIS A 14 -19.53 24.76 -9.34
C HIS A 14 -19.42 23.65 -10.40
N GLU A 15 -19.73 23.99 -11.65
CA GLU A 15 -19.66 23.00 -12.71
C GLU A 15 -18.27 22.35 -12.82
N GLN A 16 -17.20 23.15 -12.76
CA GLN A 16 -15.92 22.49 -12.99
C GLN A 16 -15.48 21.66 -11.79
N LEU A 17 -15.99 21.93 -10.58
CA LEU A 17 -15.73 21.02 -9.47
C LEU A 17 -16.53 19.74 -9.60
N GLU A 18 -17.79 19.84 -10.05
CA GLU A 18 -18.56 18.64 -10.35
C GLU A 18 -17.87 17.77 -11.39
N ALA A 19 -17.31 18.40 -12.44
CA ALA A 19 -16.63 17.61 -13.47
C ALA A 19 -15.42 16.87 -12.92
N TYR A 20 -14.61 17.53 -12.09
CA TYR A 20 -13.45 16.86 -11.51
C TYR A 20 -13.88 15.70 -10.61
N GLN A 21 -14.95 15.88 -9.84
CA GLN A 21 -15.47 14.76 -9.08
C GLN A 21 -16.03 13.67 -10.00
N ASP A 22 -16.55 14.03 -11.17
CA ASP A 22 -17.12 13.02 -12.05
C ASP A 22 -16.04 12.19 -12.73
N CYS A 23 -14.84 12.73 -12.87
CA CYS A 23 -13.79 12.10 -13.67
C CYS A 23 -12.57 11.70 -12.86
N THR A 24 -12.65 11.81 -11.54
CA THR A 24 -11.61 11.28 -10.67
C THR A 24 -12.28 10.49 -9.56
N PHE A 25 -11.46 9.89 -8.71
CA PHE A 25 -11.97 9.19 -7.53
C PHE A 25 -12.11 10.11 -6.32
N PHE A 26 -11.97 11.41 -6.51
CA PHE A 26 -11.85 12.34 -5.39
C PHE A 26 -13.18 12.99 -5.04
N THR A 27 -13.32 13.32 -3.76
CA THR A 27 -14.38 14.19 -3.25
C THR A 27 -14.05 15.65 -3.57
N ARG A 28 -15.05 16.51 -3.41
CA ARG A 28 -14.82 17.94 -3.60
C ARG A 28 -13.73 18.43 -2.66
N LYS A 29 -13.77 18.01 -1.39
CA LYS A 29 -12.75 18.40 -0.41
C LYS A 29 -11.37 17.95 -0.86
N GLU A 30 -11.25 16.74 -1.42
CA GLU A 30 -9.96 16.28 -1.87
C GLU A 30 -9.49 17.07 -3.09
N ILE A 31 -10.40 17.35 -4.03
CA ILE A 31 -10.02 18.13 -5.20
C ILE A 31 -9.43 19.46 -4.76
N MET A 32 -10.07 20.11 -3.78
CA MET A 32 -9.60 21.40 -3.32
C MET A 32 -8.23 21.28 -2.66
N ARG A 33 -8.01 20.26 -1.84
CA ARG A 33 -6.70 20.10 -1.21
C ARG A 33 -5.62 19.90 -2.26
N LEU A 34 -5.90 19.07 -3.27
CA LEU A 34 -4.91 18.78 -4.28
C LEU A 34 -4.66 20.00 -5.16
N PHE A 35 -5.69 20.79 -5.42
CA PHE A 35 -5.46 22.03 -6.16
C PHE A 35 -4.42 22.88 -5.45
N TYR A 36 -4.58 23.04 -4.13
CA TYR A 36 -3.65 23.91 -3.43
C TYR A 36 -2.27 23.30 -3.39
N ARG A 37 -2.16 21.97 -3.44
CA ARG A 37 -0.83 21.37 -3.55
C ARG A 37 -0.21 21.70 -4.89
N TYR A 38 -1.01 21.60 -5.95
CA TYR A 38 -0.53 21.90 -7.30
C TYR A 38 -0.10 23.35 -7.39
N GLN A 39 -0.91 24.27 -6.87
CA GLN A 39 -0.59 25.69 -6.94
C GLN A 39 0.70 25.98 -6.20
N ASP A 40 0.92 25.32 -5.07
CA ASP A 40 2.10 25.53 -4.25
C ASP A 40 3.37 24.98 -4.90
N LEU A 41 3.25 24.17 -5.96
CA LEU A 41 4.45 23.69 -6.65
C LEU A 41 5.15 24.82 -7.40
N ALA A 42 4.38 25.78 -7.90
CA ALA A 42 4.93 26.89 -8.67
C ALA A 42 4.05 28.12 -8.33
N PRO A 43 4.22 28.64 -7.14
CA PRO A 43 3.25 29.67 -6.67
C PRO A 43 3.30 30.99 -7.46
N GLN A 44 4.37 31.29 -8.19
CA GLN A 44 4.43 32.50 -9.00
C GLN A 44 3.87 32.29 -10.40
N LEU A 45 3.51 31.06 -10.71
CA LEU A 45 3.05 30.64 -12.02
C LEU A 45 1.58 30.23 -12.03
N VAL A 46 1.16 29.43 -11.05
CA VAL A 46 -0.20 28.88 -11.06
C VAL A 46 -1.15 29.91 -10.44
N PRO A 47 -2.20 30.31 -11.14
CA PRO A 47 -3.11 31.30 -10.58
C PRO A 47 -4.06 30.66 -9.57
N LEU A 48 -4.65 31.53 -8.75
CA LEU A 48 -5.62 31.08 -7.77
C LEU A 48 -7.06 31.13 -8.27
N ASP A 49 -7.29 31.60 -9.49
CA ASP A 49 -8.62 31.64 -10.11
C ASP A 49 -8.59 30.76 -11.36
N TYR A 50 -9.29 29.63 -11.31
CA TYR A 50 -9.39 28.75 -12.46
C TYR A 50 -10.73 28.85 -13.17
N THR A 51 -11.57 29.81 -12.80
CA THR A 51 -12.89 29.90 -13.43
C THR A 51 -12.82 30.35 -14.87
N THR A 52 -11.71 30.96 -15.28
CA THR A 52 -11.49 31.40 -16.64
C THR A 52 -10.79 30.35 -17.50
N CYS A 53 -10.59 29.14 -16.96
CA CYS A 53 -9.92 28.04 -17.64
C CYS A 53 -8.54 28.48 -18.14
N PRO A 54 -7.67 28.92 -17.25
CA PRO A 54 -6.32 29.30 -17.70
C PRO A 54 -5.58 28.07 -18.21
N ASP A 55 -4.68 28.30 -19.16
CA ASP A 55 -3.84 27.25 -19.75
C ASP A 55 -2.45 27.38 -19.12
N VAL A 56 -2.18 26.52 -18.15
CA VAL A 56 -1.01 26.61 -17.28
C VAL A 56 -0.40 25.23 -17.15
N LYS A 57 0.92 25.13 -17.34
CA LYS A 57 1.60 23.86 -17.05
C LYS A 57 2.72 24.10 -16.05
N VAL A 58 2.77 23.26 -15.03
CA VAL A 58 3.90 23.25 -14.11
C VAL A 58 5.02 22.44 -14.73
N PRO A 59 6.24 22.97 -14.82
CA PRO A 59 7.35 22.22 -15.41
C PRO A 59 7.62 20.93 -14.66
N TYR A 60 8.02 19.90 -15.42
CA TYR A 60 8.26 18.58 -14.83
C TYR A 60 9.10 18.68 -13.56
N GLU A 61 10.16 19.50 -13.57
CA GLU A 61 11.11 19.51 -12.47
C GLU A 61 10.41 19.82 -11.14
N LEU A 62 9.37 20.64 -11.19
CA LEU A 62 8.65 21.04 -9.98
C LEU A 62 7.58 20.05 -9.57
N ILE A 63 7.25 19.10 -10.44
CA ILE A 63 6.41 17.96 -10.12
C ILE A 63 7.24 16.82 -9.52
N GLY A 64 8.28 16.41 -10.22
CA GLY A 64 9.08 15.28 -9.75
C GLY A 64 9.77 15.52 -8.43
N SER A 65 10.01 16.78 -8.08
CA SER A 65 10.68 17.10 -6.84
C SER A 65 9.71 17.26 -5.66
N MET A 66 8.41 17.18 -5.88
CA MET A 66 7.47 17.27 -4.78
C MET A 66 7.66 16.10 -3.81
N PRO A 67 7.31 16.29 -2.52
CA PRO A 67 7.65 15.27 -1.53
C PRO A 67 7.13 13.88 -1.88
N GLU A 68 5.95 13.81 -2.47
CA GLU A 68 5.28 12.53 -2.69
C GLU A 68 5.87 11.76 -3.87
N LEU A 69 6.69 12.40 -4.68
CA LEU A 69 7.27 11.77 -5.85
C LEU A 69 8.78 11.73 -5.87
N LYS A 70 9.45 12.57 -5.08
CA LYS A 70 10.88 12.77 -5.27
C LYS A 70 11.68 11.50 -5.06
N ASP A 71 11.17 10.54 -4.29
CA ASP A 71 11.89 9.30 -4.04
C ASP A 71 11.35 8.12 -4.86
N ASN A 72 10.38 8.36 -5.72
CA ASN A 72 9.81 7.33 -6.59
C ASN A 72 10.70 7.15 -7.79
N PRO A 73 11.26 5.94 -8.03
CA PRO A 73 12.23 5.81 -9.12
C PRO A 73 11.60 6.00 -10.47
N PHE A 74 10.26 5.98 -10.54
CA PHE A 74 9.55 6.14 -11.80
C PHE A 74 8.91 7.51 -11.94
N ARG A 75 9.32 8.49 -11.12
CA ARG A 75 8.62 9.77 -11.15
C ARG A 75 8.64 10.41 -12.53
N GLN A 76 9.75 10.29 -13.26
CA GLN A 76 9.76 10.95 -14.58
C GLN A 76 8.76 10.29 -15.52
N ARG A 77 8.75 8.96 -15.58
CA ARG A 77 7.81 8.25 -16.45
C ARG A 77 6.36 8.52 -16.06
N ILE A 78 6.08 8.52 -14.76
CA ILE A 78 4.73 8.78 -14.29
C ILE A 78 4.24 10.14 -14.79
N ALA A 79 5.06 11.17 -14.56
CA ALA A 79 4.67 12.51 -15.02
C ALA A 79 4.54 12.56 -16.55
N GLN A 80 5.48 11.93 -17.27
CA GLN A 80 5.38 11.89 -18.73
C GLN A 80 4.06 11.29 -19.17
N VAL A 81 3.71 10.12 -18.61
CA VAL A 81 2.52 9.41 -19.10
C VAL A 81 1.26 10.20 -18.83
N PHE A 82 1.19 10.89 -17.69
CA PHE A 82 -0.02 11.65 -17.36
C PHE A 82 -0.01 13.07 -17.90
N SER A 83 1.12 13.56 -18.35
CA SER A 83 1.17 14.91 -18.89
C SER A 83 0.50 15.01 -20.26
N GLU A 84 0.01 16.22 -20.56
CA GLU A 84 -0.74 16.44 -21.80
CA GLU A 84 -0.72 16.48 -21.81
C GLU A 84 0.06 16.05 -23.04
N ASP A 85 1.33 16.45 -23.09
CA ASP A 85 2.13 16.25 -24.30
C ASP A 85 3.22 15.21 -24.16
N GLY A 86 3.26 14.50 -23.03
CA GLY A 86 4.20 13.41 -22.88
C GLY A 86 5.55 13.83 -22.40
N ASP A 87 5.74 15.10 -22.06
CA ASP A 87 7.03 15.64 -21.66
C ASP A 87 7.15 15.89 -20.16
N GLY A 88 6.11 15.56 -19.40
CA GLY A 88 6.14 15.71 -17.96
C GLY A 88 5.68 17.05 -17.44
N HIS A 89 5.35 18.00 -18.30
CA HIS A 89 4.85 19.31 -17.87
C HIS A 89 3.34 19.21 -17.75
N MET A 90 2.79 19.53 -16.57
CA MET A 90 1.44 19.09 -16.22
C MET A 90 0.49 20.25 -15.96
N THR A 91 -0.68 20.18 -16.60
CA THR A 91 -1.82 20.99 -16.24
C THR A 91 -2.43 20.45 -14.94
N LEU A 92 -3.31 21.25 -14.35
CA LEU A 92 -4.05 20.77 -13.19
C LEU A 92 -4.83 19.49 -13.53
N ASP A 93 -5.48 19.46 -14.71
CA ASP A 93 -6.18 18.26 -15.16
C ASP A 93 -5.27 17.03 -15.10
N ASN A 94 -4.05 17.19 -15.64
CA ASN A 94 -3.09 16.07 -15.70
C ASN A 94 -2.72 15.62 -14.29
N PHE A 95 -2.47 16.60 -13.41
CA PHE A 95 -2.05 16.34 -12.03
C PHE A 95 -3.13 15.58 -11.27
N LEU A 96 -4.38 15.97 -11.45
CA LEU A 96 -5.45 15.28 -10.74
C LEU A 96 -5.67 13.89 -11.30
N ASP A 97 -5.55 13.73 -12.62
CA ASP A 97 -5.62 12.39 -13.20
C ASP A 97 -4.56 11.48 -12.62
N MET A 98 -3.32 11.97 -12.56
CA MET A 98 -2.24 11.19 -12.00
C MET A 98 -2.53 10.77 -10.58
N PHE A 99 -2.80 11.73 -9.70
CA PHE A 99 -3.03 11.36 -8.30
C PHE A 99 -4.32 10.58 -8.11
N SER A 100 -5.31 10.73 -9.01
CA SER A 100 -6.50 9.88 -8.88
C SER A 100 -6.14 8.41 -9.08
N VAL A 101 -5.33 8.11 -10.11
CA VAL A 101 -4.89 6.73 -10.34
C VAL A 101 -4.03 6.23 -9.20
N MET A 102 -3.22 7.12 -8.61
CA MET A 102 -2.33 6.72 -7.52
C MET A 102 -3.05 6.57 -6.19
N SER A 103 -4.31 6.98 -6.12
CA SER A 103 -5.03 7.04 -4.84
C SER A 103 -5.41 5.66 -4.33
N GLU A 104 -5.78 5.61 -3.05
CA GLU A 104 -6.26 4.37 -2.46
C GLU A 104 -7.55 3.87 -3.11
N MET A 105 -8.34 4.78 -3.70
CA MET A 105 -9.65 4.41 -4.26
C MET A 105 -9.58 3.74 -5.64
N ALA A 106 -8.45 3.83 -6.30
CA ALA A 106 -8.34 3.31 -7.68
C ALA A 106 -8.26 1.79 -7.67
N PRO A 107 -9.07 1.11 -8.49
CA PRO A 107 -8.95 -0.36 -8.58
C PRO A 107 -7.55 -0.79 -9.01
N ARG A 108 -7.15 -1.97 -8.50
CA ARG A 108 -5.83 -2.50 -8.80
C ARG A 108 -5.64 -2.74 -10.30
N ASP A 109 -6.66 -3.23 -10.99
CA ASP A 109 -6.51 -3.46 -12.43
C ASP A 109 -6.34 -2.15 -13.21
N LEU A 110 -6.87 -1.05 -12.68
CA LEU A 110 -6.66 0.25 -13.30
C LEU A 110 -5.24 0.74 -13.05
N LYS A 111 -4.73 0.57 -11.82
CA LYS A 111 -3.32 0.86 -11.58
C LYS A 111 -2.43 0.03 -12.50
N ALA A 112 -2.82 -1.22 -12.75
CA ALA A 112 -2.03 -2.11 -13.59
C ALA A 112 -2.01 -1.64 -15.03
N TYR A 113 -3.13 -1.08 -15.49
CA TYR A 113 -3.20 -0.48 -16.82
C TYR A 113 -2.18 0.65 -16.96
N TYR A 114 -2.16 1.58 -16.01
CA TYR A 114 -1.22 2.68 -16.15
C TYR A 114 0.21 2.23 -15.85
N ALA A 115 0.38 1.25 -14.96
CA ALA A 115 1.73 0.76 -14.69
C ALA A 115 2.32 0.20 -15.96
N PHE A 116 1.52 -0.50 -16.74
CA PHE A 116 1.99 -0.98 -18.04
C PHE A 116 2.51 0.16 -18.90
N LYS A 117 1.74 1.26 -19.00
CA LYS A 117 2.15 2.39 -19.81
C LYS A 117 3.47 2.96 -19.30
N ILE A 118 3.61 3.02 -17.97
CA ILE A 118 4.78 3.65 -17.40
C ILE A 118 6.01 2.77 -17.60
N TYR A 119 5.86 1.47 -17.44
CA TYR A 119 6.97 0.54 -17.59
C TYR A 119 7.32 0.22 -19.04
N ASP A 120 6.46 0.58 -19.98
CA ASP A 120 6.72 0.42 -21.41
C ASP A 120 7.56 1.62 -21.84
N PHE A 121 8.85 1.56 -21.49
CA PHE A 121 9.72 2.72 -21.55
C PHE A 121 9.81 3.30 -22.97
N ASN A 122 9.63 2.49 -24.02
CA ASN A 122 9.75 3.00 -25.38
C ASN A 122 8.41 3.14 -26.09
N ASN A 123 7.31 2.98 -25.36
CA ASN A 123 5.97 3.22 -25.88
C ASN A 123 5.67 2.44 -27.16
N ASP A 124 6.01 1.16 -27.16
CA ASP A 124 5.70 0.32 -28.32
C ASP A 124 4.63 -0.72 -28.01
N ASP A 125 3.94 -0.55 -26.87
CA ASP A 125 2.80 -1.36 -26.43
C ASP A 125 3.18 -2.78 -26.03
N TYR A 126 4.44 -3.00 -25.71
CA TYR A 126 4.90 -4.26 -25.17
C TYR A 126 5.92 -3.94 -24.08
N ILE A 127 5.97 -4.78 -23.08
CA ILE A 127 7.05 -4.74 -22.11
C ILE A 127 7.98 -5.88 -22.47
N CYS A 128 9.13 -5.55 -23.02
CA CYS A 128 10.12 -6.51 -23.45
C CYS A 128 11.10 -6.81 -22.33
N ALA A 129 12.08 -7.64 -22.60
CA ALA A 129 13.09 -7.94 -21.59
C ALA A 129 13.87 -6.69 -21.18
N TRP A 130 14.10 -5.75 -22.12
CA TRP A 130 14.81 -4.54 -21.72
C TRP A 130 13.94 -3.66 -20.85
N ASP A 131 12.64 -3.55 -21.18
CA ASP A 131 11.74 -2.76 -20.33
C ASP A 131 11.66 -3.38 -18.95
N LEU A 132 11.56 -4.71 -18.88
CA LEU A 132 11.50 -5.40 -17.60
C LEU A 132 12.76 -5.18 -16.78
N GLU A 133 13.93 -5.28 -17.43
CA GLU A 133 15.19 -5.10 -16.71
C GLU A 133 15.28 -3.70 -16.11
N GLN A 134 14.93 -2.68 -16.89
CA GLN A 134 14.92 -1.33 -16.35
C GLN A 134 13.96 -1.22 -15.18
N THR A 135 12.76 -1.78 -15.34
CA THR A 135 11.74 -1.71 -14.29
C THR A 135 12.24 -2.39 -13.03
N VAL A 136 12.75 -3.62 -13.15
CA VAL A 136 13.12 -4.37 -11.95
C VAL A 136 14.33 -3.74 -11.27
N THR A 137 15.27 -3.22 -12.06
CA THR A 137 16.42 -2.54 -11.46
C THR A 137 15.97 -1.33 -10.66
N LYS A 138 15.06 -0.55 -11.22
CA LYS A 138 14.53 0.62 -10.52
C LYS A 138 13.75 0.19 -9.28
N LEU A 139 12.83 -0.76 -9.44
CA LEU A 139 12.07 -1.22 -8.29
C LEU A 139 12.99 -1.72 -7.19
N THR A 140 14.09 -2.38 -7.54
CA THR A 140 14.99 -2.95 -6.53
C THR A 140 16.13 -2.02 -6.15
N ARG A 141 16.08 -0.75 -6.56
CA ARG A 141 16.97 0.27 -5.99
C ARG A 141 18.44 -0.03 -6.30
N GLY A 142 18.70 -0.74 -7.38
CA GLY A 142 20.07 -1.01 -7.79
C GLY A 142 20.86 -1.90 -6.88
N GLU A 143 20.21 -2.63 -5.97
CA GLU A 143 20.94 -3.47 -5.04
C GLU A 143 21.16 -4.89 -5.57
N LEU A 144 20.48 -5.27 -6.65
CA LEU A 144 20.71 -6.54 -7.31
C LEU A 144 21.79 -6.39 -8.38
N SER A 145 22.57 -7.46 -8.55
CA SER A 145 23.52 -7.51 -9.65
C SER A 145 22.78 -7.46 -10.99
N ALA A 146 23.35 -6.74 -11.95
CA ALA A 146 22.82 -6.74 -13.31
C ALA A 146 22.54 -8.16 -13.77
N GLU A 147 23.41 -9.10 -13.40
CA GLU A 147 23.19 -10.50 -13.74
C GLU A 147 21.93 -11.03 -13.07
N GLU A 148 21.69 -10.67 -11.82
CA GLU A 148 20.51 -11.17 -11.13
C GLU A 148 19.24 -10.45 -11.57
N VAL A 149 19.31 -9.15 -11.86
CA VAL A 149 18.13 -8.49 -12.43
C VAL A 149 17.69 -9.26 -13.66
N SER A 150 18.63 -9.51 -14.59
CA SER A 150 18.30 -10.18 -15.84
C SER A 150 17.61 -11.51 -15.57
N LEU A 151 18.05 -12.23 -14.53
CA LEU A 151 17.46 -13.54 -14.26
C LEU A 151 16.06 -13.40 -13.67
N VAL A 152 15.85 -12.36 -12.87
CA VAL A 152 14.50 -12.09 -12.36
C VAL A 152 13.54 -11.82 -13.52
N CYS A 153 13.99 -11.08 -14.53
CA CYS A 153 13.11 -10.76 -15.64
C CYS A 153 12.79 -11.99 -16.48
N GLN A 154 13.78 -12.88 -16.66
CA GLN A 154 13.48 -14.15 -17.28
C GLN A 154 12.36 -14.87 -16.55
N HIS A 155 12.40 -14.87 -15.22
CA HIS A 155 11.38 -15.57 -14.45
C HIS A 155 10.01 -14.97 -14.70
N VAL A 156 9.91 -13.64 -14.69
CA VAL A 156 8.63 -12.99 -14.91
C VAL A 156 8.06 -13.33 -16.29
N LEU A 157 8.91 -13.34 -17.31
CA LEU A 157 8.44 -13.70 -18.64
C LEU A 157 7.96 -15.14 -18.70
N ASP A 158 8.74 -16.08 -18.16
CA ASP A 158 8.29 -17.47 -18.16
C ASP A 158 6.91 -17.58 -17.53
N GLU A 159 6.64 -16.74 -16.52
CA GLU A 159 5.38 -16.84 -15.80
C GLU A 159 4.25 -16.16 -16.56
N ALA A 160 4.51 -15.03 -17.22
CA ALA A 160 3.44 -14.14 -17.66
C ALA A 160 3.31 -14.01 -19.17
N ASP A 161 4.30 -14.45 -19.95
CA ASP A 161 4.28 -14.24 -21.40
C ASP A 161 3.43 -15.36 -21.99
N GLY A 162 2.13 -15.11 -22.11
CA GLY A 162 1.19 -16.17 -22.41
C GLY A 162 1.32 -16.78 -23.79
N ASP A 163 1.76 -16.00 -24.78
CA ASP A 163 1.92 -16.49 -26.14
C ASP A 163 3.37 -16.79 -26.51
N HIS A 164 4.29 -16.71 -25.56
CA HIS A 164 5.67 -17.18 -25.75
C HIS A 164 6.36 -16.48 -26.92
N ASP A 165 6.07 -15.20 -27.09
CA ASP A 165 6.80 -14.32 -27.99
C ASP A 165 7.90 -13.52 -27.28
N GLY A 166 8.14 -13.78 -26.01
CA GLY A 166 9.23 -13.18 -25.30
C GLY A 166 8.97 -11.80 -24.76
N ARG A 167 7.73 -11.33 -24.82
CA ARG A 167 7.44 -10.02 -24.28
C ARG A 167 6.00 -9.98 -23.79
N LEU A 168 5.73 -8.97 -22.98
CA LEU A 168 4.44 -8.86 -22.29
C LEU A 168 3.57 -7.83 -22.98
N SER A 169 2.42 -8.28 -23.46
CA SER A 169 1.38 -7.38 -23.87
C SER A 169 0.72 -6.75 -22.63
N LEU A 170 -0.15 -5.77 -22.88
CA LEU A 170 -0.94 -5.19 -21.79
C LEU A 170 -1.70 -6.27 -21.05
N GLU A 171 -2.32 -7.18 -21.80
CA GLU A 171 -3.08 -8.28 -21.20
C GLU A 171 -2.15 -9.21 -20.40
N ASP A 172 -0.99 -9.57 -20.98
CA ASP A 172 -0.02 -10.38 -20.23
C ASP A 172 0.21 -9.75 -18.86
N PHE A 173 0.49 -8.44 -18.87
CA PHE A 173 0.88 -7.71 -17.67
C PHE A 173 -0.27 -7.59 -16.68
N GLN A 174 -1.44 -7.16 -17.14
CA GLN A 174 -2.55 -7.00 -16.20
C GLN A 174 -2.93 -8.32 -15.54
N ASN A 175 -2.86 -9.42 -16.30
CA ASN A 175 -3.21 -10.71 -15.71
C ASN A 175 -2.13 -11.19 -14.76
N MET A 176 -0.86 -10.84 -14.99
CA MET A 176 0.19 -11.15 -14.01
C MET A 176 -0.09 -10.46 -12.68
N ILE A 177 -0.46 -9.19 -12.73
CA ILE A 177 -0.80 -8.44 -11.52
C ILE A 177 -2.03 -9.02 -10.85
N LEU A 178 -3.06 -9.35 -11.63
CA LEU A 178 -4.27 -9.94 -11.09
C LEU A 178 -3.98 -11.20 -10.29
N ARG A 179 -3.01 -11.99 -10.73
CA ARG A 179 -2.70 -13.25 -10.05
C ARG A 179 -1.76 -13.05 -8.86
N ALA A 180 -1.38 -11.81 -8.55
CA ALA A 180 -0.39 -11.53 -7.50
C ALA A 180 -0.93 -10.46 -6.57
N PRO A 181 -1.86 -10.82 -5.69
CA PRO A 181 -2.38 -9.82 -4.74
C PRO A 181 -1.30 -9.31 -3.81
N ASP A 182 -1.56 -8.14 -3.23
CA ASP A 182 -0.60 -7.46 -2.35
C ASP A 182 -0.83 -7.95 -0.91
N PHE A 183 -0.21 -9.08 -0.61
CA PHE A 183 -0.41 -9.71 0.68
C PHE A 183 0.15 -8.90 1.83
N LEU A 184 1.09 -7.97 1.58
CA LEU A 184 1.61 -7.19 2.71
C LEU A 184 0.89 -5.87 2.92
N SER A 185 -0.10 -5.56 2.09
CA SER A 185 -0.78 -4.27 2.21
C SER A 185 -1.52 -4.13 3.55
N THR A 186 -1.79 -5.23 4.22
CA THR A 186 -2.54 -5.12 5.49
C THR A 186 -1.74 -4.41 6.56
N PHE A 187 -0.43 -4.54 6.56
CA PHE A 187 0.33 -4.14 7.74
C PHE A 187 0.98 -2.77 7.56
N HIS A 188 0.13 -1.82 7.16
CA HIS A 188 0.51 -0.44 6.93
C HIS A 188 -0.65 0.43 7.41
N ILE A 189 -0.32 1.62 7.91
CA ILE A 189 -1.31 2.57 8.34
C ILE A 189 -1.28 3.78 7.42
N GLN B 9 5.28 13.09 34.43
CA GLN B 9 4.50 11.94 33.95
C GLN B 9 4.61 10.78 34.94
N THR B 10 3.52 10.40 35.56
CA THR B 10 3.56 9.29 36.47
C THR B 10 2.93 8.00 35.95
N VAL B 11 2.86 7.78 34.64
CA VAL B 11 2.37 6.57 34.09
C VAL B 11 3.30 5.38 34.23
N PHE B 12 4.58 5.54 33.90
CA PHE B 12 5.54 4.45 33.94
C PHE B 12 6.83 4.71 34.69
N THR B 13 7.46 3.65 35.13
CA THR B 13 8.82 3.80 35.64
C THR B 13 9.80 4.00 34.50
N HIS B 14 10.95 4.60 34.83
CA HIS B 14 12.04 4.70 33.88
C HIS B 14 12.33 3.34 33.24
N GLU B 15 12.33 2.27 34.04
CA GLU B 15 12.71 0.96 33.52
C GLU B 15 11.64 0.43 32.59
N GLN B 16 10.37 0.69 32.89
CA GLN B 16 9.30 0.30 31.97
C GLN B 16 9.48 0.99 30.64
N LEU B 17 9.72 2.31 30.64
CA LEU B 17 9.84 3.02 29.39
C LEU B 17 11.06 2.55 28.62
N GLU B 18 12.16 2.23 29.33
CA GLU B 18 13.31 1.66 28.66
C GLU B 18 12.96 0.31 28.02
N ALA B 19 12.28 -0.57 28.77
CA ALA B 19 11.92 -1.87 28.22
C ALA B 19 10.99 -1.75 27.01
N TYR B 20 10.10 -0.76 27.00
CA TYR B 20 9.22 -0.59 25.85
C TYR B 20 9.97 -0.05 24.65
N GLN B 21 10.85 0.92 24.89
CA GLN B 21 11.67 1.44 23.80
C GLN B 21 12.52 0.35 23.22
N ASP B 22 13.06 -0.54 24.08
CA ASP B 22 13.83 -1.69 23.62
C ASP B 22 12.99 -2.56 22.70
N CYS B 23 11.88 -3.07 23.20
CA CYS B 23 11.24 -4.19 22.51
C CYS B 23 10.42 -3.74 21.31
N THR B 24 9.85 -2.54 21.35
CA THR B 24 9.13 -1.99 20.21
C THR B 24 10.06 -1.20 19.31
N PHE B 25 9.54 -0.69 18.20
CA PHE B 25 10.30 0.20 17.33
C PHE B 25 10.10 1.67 17.70
N PHE B 26 9.50 1.94 18.84
CA PHE B 26 9.18 3.30 19.21
C PHE B 26 10.21 3.87 20.18
N THR B 27 10.27 5.20 20.23
CA THR B 27 10.99 5.91 21.28
C THR B 27 10.15 5.98 22.55
N ARG B 28 10.79 6.39 23.66
CA ARG B 28 10.06 6.59 24.90
C ARG B 28 8.91 7.58 24.70
N LYS B 29 9.17 8.70 23.98
CA LYS B 29 8.13 9.72 23.80
C LYS B 29 6.98 9.18 22.96
N GLU B 30 7.29 8.41 21.92
CA GLU B 30 6.24 7.79 21.11
C GLU B 30 5.43 6.79 21.92
N ILE B 31 6.06 6.10 22.86
CA ILE B 31 5.33 5.20 23.75
C ILE B 31 4.35 5.99 24.63
N MET B 32 4.84 7.07 25.25
CA MET B 32 3.93 7.91 26.02
C MET B 32 2.74 8.34 25.20
N ARG B 33 2.98 8.79 23.97
CA ARG B 33 1.87 9.31 23.17
C ARG B 33 0.94 8.19 22.69
N LEU B 34 1.45 6.99 22.50
CA LEU B 34 0.58 5.85 22.24
C LEU B 34 -0.24 5.51 23.48
N PHE B 35 0.36 5.65 24.67
CA PHE B 35 -0.42 5.46 25.88
C PHE B 35 -1.60 6.41 25.92
N TYR B 36 -1.38 7.69 25.56
CA TYR B 36 -2.49 8.64 25.55
C TYR B 36 -3.61 8.15 24.64
N ARG B 37 -3.25 7.55 23.49
CA ARG B 37 -4.25 7.03 22.56
C ARG B 37 -5.02 5.86 23.17
N TYR B 38 -4.31 4.96 23.88
CA TYR B 38 -4.94 3.81 24.51
C TYR B 38 -5.89 4.25 25.62
N GLN B 39 -5.40 5.12 26.48
CA GLN B 39 -6.21 5.67 27.58
C GLN B 39 -7.45 6.42 27.04
N ASP B 40 -7.29 7.09 25.91
CA ASP B 40 -8.37 7.85 25.29
C ASP B 40 -9.57 6.97 24.95
N LEU B 41 -9.33 5.75 24.49
CA LEU B 41 -10.37 4.83 24.12
C LEU B 41 -11.34 4.49 25.27
N ALA B 42 -10.84 4.38 26.49
CA ALA B 42 -11.69 3.95 27.62
C ALA B 42 -11.19 4.64 28.86
N PRO B 43 -11.46 5.94 29.00
CA PRO B 43 -10.70 6.76 29.98
C PRO B 43 -11.10 6.54 31.43
N GLN B 44 -12.17 5.81 31.70
CA GLN B 44 -12.44 5.44 33.08
C GLN B 44 -12.17 3.96 33.31
N LEU B 45 -11.61 3.28 32.31
CA LEU B 45 -11.14 1.90 32.45
C LEU B 45 -9.63 1.83 32.58
N VAL B 46 -8.92 2.56 31.74
CA VAL B 46 -7.45 2.56 31.73
C VAL B 46 -6.92 3.52 32.81
N PRO B 47 -6.19 3.01 33.79
CA PRO B 47 -5.69 3.90 34.84
C PRO B 47 -4.50 4.69 34.35
N LEU B 48 -4.21 5.79 35.06
CA LEU B 48 -3.10 6.65 34.68
C LEU B 48 -1.74 6.21 35.24
N ASP B 49 -1.73 5.36 36.26
CA ASP B 49 -0.49 4.84 36.86
C ASP B 49 -0.30 3.39 36.43
N TYR B 50 0.67 3.14 35.56
CA TYR B 50 0.95 1.77 35.14
C TYR B 50 2.18 1.20 35.84
N THR B 51 2.73 1.90 36.83
CA THR B 51 3.96 1.44 37.47
C THR B 51 3.77 0.11 38.17
N THR B 52 2.54 -0.23 38.56
CA THR B 52 2.22 -1.49 39.21
C THR B 52 1.87 -2.59 38.23
N CYS B 53 1.91 -2.31 36.92
CA CYS B 53 1.41 -3.19 35.85
C CYS B 53 -0.01 -3.64 36.18
N PRO B 54 -0.99 -2.76 36.07
CA PRO B 54 -2.39 -3.17 36.24
C PRO B 54 -2.82 -4.08 35.11
N ASP B 55 -3.80 -4.94 35.41
CA ASP B 55 -4.33 -5.90 34.44
C ASP B 55 -5.63 -5.33 33.87
N VAL B 56 -5.53 -4.75 32.68
CA VAL B 56 -6.62 -4.01 32.06
C VAL B 56 -6.63 -4.33 30.57
N LYS B 57 -7.83 -4.55 30.03
CA LYS B 57 -7.98 -4.73 28.60
C LYS B 57 -9.02 -3.74 28.10
N VAL B 58 -8.75 -3.17 26.92
CA VAL B 58 -9.71 -2.34 26.20
C VAL B 58 -10.45 -3.26 25.25
N PRO B 59 -11.78 -3.22 25.22
CA PRO B 59 -12.55 -4.19 24.41
C PRO B 59 -12.29 -4.03 22.93
N TYR B 60 -12.41 -5.15 22.22
CA TYR B 60 -12.18 -5.17 20.79
C TYR B 60 -13.01 -4.10 20.08
N GLU B 61 -14.23 -3.90 20.55
CA GLU B 61 -15.15 -2.96 19.91
C GLU B 61 -14.54 -1.56 19.84
N LEU B 62 -13.80 -1.15 20.86
CA LEU B 62 -13.15 0.15 20.83
C LEU B 62 -11.89 0.12 19.98
N ILE B 63 -11.18 -1.00 19.99
CA ILE B 63 -9.94 -1.12 19.21
C ILE B 63 -10.25 -1.02 17.72
N GLY B 64 -11.22 -1.80 17.28
CA GLY B 64 -11.59 -1.90 15.89
C GLY B 64 -12.16 -0.63 15.32
N SER B 65 -12.61 0.29 16.15
CA SER B 65 -13.15 1.57 15.73
C SER B 65 -12.08 2.63 15.53
N MET B 66 -10.83 2.35 15.86
CA MET B 66 -9.78 3.31 15.65
C MET B 66 -9.61 3.58 14.16
N PRO B 67 -9.20 4.80 13.80
CA PRO B 67 -8.95 5.10 12.37
C PRO B 67 -7.94 4.20 11.72
N GLU B 68 -6.91 3.78 12.47
CA GLU B 68 -5.90 2.89 11.91
C GLU B 68 -6.50 1.59 11.44
N LEU B 69 -7.63 1.18 12.04
CA LEU B 69 -8.17 -0.13 11.79
C LEU B 69 -9.58 -0.15 11.22
N LYS B 70 -10.38 0.89 11.44
CA LYS B 70 -11.81 0.75 11.18
C LYS B 70 -12.11 0.46 9.72
N ASP B 71 -11.20 0.77 8.79
CA ASP B 71 -11.43 0.53 7.37
C ASP B 71 -10.54 -0.59 6.84
N ASN B 72 -9.90 -1.33 7.73
CA ASN B 72 -9.01 -2.44 7.37
C ASN B 72 -9.84 -3.73 7.39
N PRO B 73 -9.97 -4.44 6.27
CA PRO B 73 -10.86 -5.61 6.27
C PRO B 73 -10.41 -6.69 7.25
N PHE B 74 -9.16 -6.66 7.67
CA PHE B 74 -8.59 -7.64 8.59
C PHE B 74 -8.52 -7.15 10.03
N ARG B 75 -9.24 -6.07 10.36
CA ARG B 75 -9.10 -5.50 11.69
C ARG B 75 -9.43 -6.52 12.78
N GLN B 76 -10.44 -7.36 12.57
CA GLN B 76 -10.74 -8.37 13.58
C GLN B 76 -9.57 -9.31 13.77
N ARG B 77 -9.02 -9.85 12.68
CA ARG B 77 -7.93 -10.79 12.78
C ARG B 77 -6.70 -10.15 13.40
N ILE B 78 -6.40 -8.90 13.02
CA ILE B 78 -5.25 -8.20 13.57
C ILE B 78 -5.38 -8.10 15.08
N ALA B 79 -6.53 -7.61 15.55
CA ALA B 79 -6.73 -7.48 17.00
C ALA B 79 -6.66 -8.84 17.67
N GLN B 80 -7.26 -9.87 17.07
CA GLN B 80 -7.20 -11.21 17.66
C GLN B 80 -5.77 -11.67 17.85
N VAL B 81 -4.95 -11.48 16.81
CA VAL B 81 -3.59 -12.02 16.83
C VAL B 81 -2.74 -11.30 17.88
N PHE B 82 -2.89 -10.00 18.00
CA PHE B 82 -2.08 -9.26 18.96
C PHE B 82 -2.66 -9.28 20.37
N SER B 83 -3.94 -9.61 20.51
CA SER B 83 -4.56 -9.67 21.83
C SER B 83 -4.01 -10.83 22.66
N GLU B 84 -3.94 -10.60 23.98
CA GLU B 84 -3.38 -11.61 24.86
C GLU B 84 -4.07 -12.95 24.71
N ASP B 85 -5.40 -12.95 24.64
CA ASP B 85 -6.19 -14.17 24.71
C ASP B 85 -6.87 -14.49 23.37
N GLY B 86 -6.53 -13.78 22.31
CA GLY B 86 -7.04 -14.08 20.98
C GLY B 86 -8.47 -13.65 20.73
N ASP B 87 -9.04 -12.81 21.57
CA ASP B 87 -10.40 -12.35 21.45
C ASP B 87 -10.50 -10.90 21.02
N GLY B 88 -9.37 -10.24 20.75
CA GLY B 88 -9.37 -8.87 20.32
C GLY B 88 -9.37 -7.85 21.43
N HIS B 89 -9.46 -8.28 22.68
CA HIS B 89 -9.42 -7.36 23.82
C HIS B 89 -7.97 -7.17 24.24
N MET B 90 -7.52 -5.93 24.33
CA MET B 90 -6.09 -5.68 24.28
C MET B 90 -5.57 -4.99 25.51
N THR B 91 -4.51 -5.55 26.07
CA THR B 91 -3.74 -4.86 27.08
C THR B 91 -2.93 -3.76 26.41
N LEU B 92 -2.34 -2.88 27.23
CA LEU B 92 -1.44 -1.88 26.67
C LEU B 92 -0.30 -2.55 25.90
N ASP B 93 0.31 -3.59 26.49
CA ASP B 93 1.40 -4.27 25.80
C ASP B 93 0.95 -4.77 24.42
N ASN B 94 -0.25 -5.39 24.33
CA ASN B 94 -0.75 -5.88 23.04
C ASN B 94 -0.86 -4.73 22.05
N PHE B 95 -1.45 -3.62 22.52
CA PHE B 95 -1.66 -2.42 21.72
C PHE B 95 -0.35 -1.87 21.18
N LEU B 96 0.65 -1.75 22.04
CA LEU B 96 1.95 -1.26 21.60
C LEU B 96 2.56 -2.19 20.57
N ASP B 97 2.47 -3.50 20.81
CA ASP B 97 3.05 -4.49 19.89
C ASP B 97 2.39 -4.39 18.51
N MET B 98 1.07 -4.29 18.49
CA MET B 98 0.34 -4.12 17.24
C MET B 98 0.82 -2.90 16.49
N PHE B 99 0.84 -1.74 17.15
CA PHE B 99 1.25 -0.55 16.45
C PHE B 99 2.73 -0.62 16.03
N SER B 100 3.56 -1.29 16.83
CA SER B 100 4.97 -1.45 16.46
C SER B 100 5.11 -2.23 15.15
N VAL B 101 4.38 -3.34 15.02
CA VAL B 101 4.47 -4.13 13.79
C VAL B 101 3.86 -3.39 12.62
N MET B 102 2.79 -2.62 12.83
CA MET B 102 2.17 -1.87 11.76
C MET B 102 2.97 -0.63 11.37
N SER B 103 3.97 -0.24 12.16
CA SER B 103 4.67 1.01 11.92
C SER B 103 5.58 0.91 10.69
N GLU B 104 5.94 2.09 10.17
CA GLU B 104 6.84 2.15 9.04
C GLU B 104 8.22 1.61 9.39
N MET B 105 8.57 1.63 10.67
CA MET B 105 9.90 1.19 11.10
C MET B 105 10.03 -0.32 11.12
N ALA B 106 8.93 -1.05 11.12
CA ALA B 106 8.98 -2.49 11.25
C ALA B 106 9.56 -3.11 9.98
N PRO B 107 10.53 -4.01 10.10
CA PRO B 107 11.13 -4.65 8.91
C PRO B 107 10.08 -5.43 8.12
N ARG B 108 10.25 -5.43 6.79
CA ARG B 108 9.29 -6.14 5.95
C ARG B 108 9.22 -7.62 6.28
N ASP B 109 10.35 -8.22 6.66
CA ASP B 109 10.32 -9.63 7.05
C ASP B 109 9.44 -9.89 8.26
N LEU B 110 9.37 -8.91 9.18
CA LEU B 110 8.50 -9.05 10.35
C LEU B 110 7.04 -8.85 9.96
N LYS B 111 6.77 -7.89 9.08
CA LYS B 111 5.40 -7.70 8.61
C LYS B 111 4.91 -8.96 7.91
N ALA B 112 5.79 -9.63 7.15
CA ALA B 112 5.39 -10.87 6.48
C ALA B 112 5.05 -11.96 7.48
N TYR B 113 5.83 -12.09 8.55
CA TYR B 113 5.49 -13.06 9.58
C TYR B 113 4.08 -12.81 10.13
N TYR B 114 3.76 -11.57 10.45
CA TYR B 114 2.45 -11.31 11.04
C TYR B 114 1.35 -11.39 10.00
N ALA B 115 1.62 -11.06 8.75
CA ALA B 115 0.63 -11.29 7.71
C ALA B 115 0.24 -12.77 7.67
N PHE B 116 1.23 -13.65 7.74
CA PHE B 116 0.94 -15.08 7.75
C PHE B 116 0.04 -15.45 8.92
N LYS B 117 0.34 -14.93 10.11
CA LYS B 117 -0.45 -15.25 11.29
C LYS B 117 -1.89 -14.82 11.12
N ILE B 118 -2.10 -13.62 10.57
CA ILE B 118 -3.43 -13.06 10.38
C ILE B 118 -4.21 -13.88 9.35
N TYR B 119 -3.57 -14.26 8.25
CA TYR B 119 -4.24 -14.99 7.18
C TYR B 119 -4.49 -16.46 7.53
N ASP B 120 -3.77 -16.98 8.53
CA ASP B 120 -3.99 -18.31 9.08
C ASP B 120 -5.18 -18.22 10.04
N PHE B 121 -6.39 -18.19 9.45
CA PHE B 121 -7.58 -17.84 10.21
C PHE B 121 -7.86 -18.82 11.34
N ASN B 122 -7.60 -20.11 11.12
CA ASN B 122 -7.84 -21.10 12.18
C ASN B 122 -6.58 -21.43 12.97
N ASN B 123 -5.54 -20.63 12.84
CA ASN B 123 -4.33 -20.74 13.65
C ASN B 123 -3.81 -22.19 13.70
N ASP B 124 -3.74 -22.87 12.55
CA ASP B 124 -3.21 -24.23 12.54
C ASP B 124 -1.84 -24.29 11.87
N ASP B 125 -1.22 -23.13 11.62
CA ASP B 125 0.14 -22.94 11.15
C ASP B 125 0.27 -23.11 9.65
N TYR B 126 -0.84 -23.17 8.91
CA TYR B 126 -0.80 -23.23 7.46
C TYR B 126 -1.92 -22.35 6.91
N ILE B 127 -1.66 -21.74 5.75
CA ILE B 127 -2.70 -21.09 4.97
C ILE B 127 -3.21 -22.14 3.97
N CYS B 128 -4.39 -22.69 4.25
CA CYS B 128 -5.02 -23.63 3.34
C CYS B 128 -5.79 -22.86 2.27
N ALA B 129 -6.44 -23.60 1.36
CA ALA B 129 -7.21 -22.94 0.31
C ALA B 129 -8.36 -22.11 0.88
N TRP B 130 -8.95 -22.55 2.01
CA TRP B 130 -10.06 -21.78 2.61
C TRP B 130 -9.54 -20.48 3.21
N ASP B 131 -8.45 -20.56 3.97
CA ASP B 131 -7.80 -19.34 4.47
C ASP B 131 -7.47 -18.39 3.34
N LEU B 132 -6.90 -18.92 2.27
CA LEU B 132 -6.45 -18.08 1.17
C LEU B 132 -7.63 -17.41 0.49
N GLU B 133 -8.73 -18.14 0.33
CA GLU B 133 -9.91 -17.54 -0.27
C GLU B 133 -10.44 -16.40 0.58
N GLN B 134 -10.55 -16.62 1.88
CA GLN B 134 -10.98 -15.54 2.76
C GLN B 134 -10.03 -14.36 2.67
N THR B 135 -8.73 -14.65 2.59
CA THR B 135 -7.72 -13.60 2.52
C THR B 135 -7.86 -12.80 1.22
N VAL B 136 -7.89 -13.50 0.08
CA VAL B 136 -7.90 -12.78 -1.19
C VAL B 136 -9.23 -12.06 -1.37
N THR B 137 -10.33 -12.63 -0.88
CA THR B 137 -11.61 -11.94 -0.96
C THR B 137 -11.52 -10.61 -0.23
N LYS B 138 -10.88 -10.61 0.94
CA LYS B 138 -10.77 -9.37 1.70
C LYS B 138 -9.80 -8.39 1.06
N LEU B 139 -8.69 -8.87 0.54
CA LEU B 139 -7.71 -7.97 -0.06
C LEU B 139 -8.25 -7.31 -1.32
N THR B 140 -9.11 -7.97 -2.07
CA THR B 140 -9.53 -7.40 -3.35
C THR B 140 -10.81 -6.60 -3.24
N ARG B 141 -11.49 -6.65 -2.09
CA ARG B 141 -12.53 -5.67 -1.73
C ARG B 141 -13.65 -5.59 -2.76
N GLY B 142 -14.01 -6.72 -3.33
CA GLY B 142 -15.09 -6.76 -4.28
C GLY B 142 -14.69 -6.46 -5.69
N GLU B 143 -13.41 -6.15 -5.94
CA GLU B 143 -12.98 -5.84 -7.31
C GLU B 143 -13.01 -7.08 -8.18
N LEU B 144 -12.85 -8.26 -7.58
CA LEU B 144 -12.91 -9.53 -8.28
C LEU B 144 -14.22 -10.25 -7.96
N SER B 145 -14.74 -10.97 -8.96
CA SER B 145 -15.83 -11.90 -8.73
C SER B 145 -15.36 -13.07 -7.87
N ALA B 146 -16.33 -13.79 -7.33
CA ALA B 146 -16.01 -15.01 -6.59
C ALA B 146 -15.26 -16.01 -7.46
N GLU B 147 -15.67 -16.13 -8.72
CA GLU B 147 -14.99 -17.01 -9.66
C GLU B 147 -13.54 -16.59 -9.86
N GLU B 148 -13.31 -15.28 -10.05
CA GLU B 148 -11.94 -14.78 -10.23
C GLU B 148 -11.11 -15.00 -8.98
N VAL B 149 -11.71 -14.77 -7.80
CA VAL B 149 -10.95 -15.02 -6.56
C VAL B 149 -10.51 -16.48 -6.49
N SER B 150 -11.41 -17.41 -6.77
CA SER B 150 -11.04 -18.82 -6.75
C SER B 150 -9.91 -19.13 -7.72
N LEU B 151 -9.98 -18.56 -8.93
CA LEU B 151 -8.91 -18.81 -9.90
C LEU B 151 -7.59 -18.24 -9.41
N VAL B 152 -7.63 -17.07 -8.78
CA VAL B 152 -6.39 -16.47 -8.26
C VAL B 152 -5.82 -17.31 -7.11
N CYS B 153 -6.68 -17.79 -6.22
CA CYS B 153 -6.21 -18.60 -5.09
C CYS B 153 -5.59 -19.90 -5.57
N GLN B 154 -6.20 -20.55 -6.56
CA GLN B 154 -5.60 -21.78 -7.08
C GLN B 154 -4.24 -21.50 -7.70
N HIS B 155 -4.10 -20.36 -8.40
CA HIS B 155 -2.80 -20.04 -8.99
C HIS B 155 -1.76 -19.78 -7.91
N VAL B 156 -2.15 -18.97 -6.92
CA VAL B 156 -1.22 -18.63 -5.83
C VAL B 156 -0.70 -19.91 -5.18
N LEU B 157 -1.60 -20.84 -4.87
CA LEU B 157 -1.19 -22.09 -4.28
C LEU B 157 -0.29 -22.88 -5.22
N ASP B 158 -0.71 -23.01 -6.48
CA ASP B 158 0.05 -23.82 -7.42
C ASP B 158 1.48 -23.30 -7.55
N GLU B 159 1.67 -21.97 -7.45
CA GLU B 159 2.99 -21.41 -7.67
C GLU B 159 3.83 -21.40 -6.39
N ALA B 160 3.18 -21.25 -5.24
CA ALA B 160 3.90 -21.00 -3.98
C ALA B 160 4.00 -22.20 -3.07
N ASP B 161 3.25 -23.27 -3.32
CA ASP B 161 3.18 -24.42 -2.43
C ASP B 161 4.39 -25.30 -2.70
N GLY B 162 5.43 -25.09 -1.92
CA GLY B 162 6.72 -25.71 -2.22
C GLY B 162 6.67 -27.23 -2.19
N ASP B 163 6.02 -27.80 -1.19
CA ASP B 163 6.01 -29.25 -1.03
C ASP B 163 4.73 -29.89 -1.54
N HIS B 164 3.89 -29.09 -2.20
CA HIS B 164 2.69 -29.58 -2.89
C HIS B 164 1.76 -30.37 -1.97
N ASP B 165 1.68 -29.93 -0.71
CA ASP B 165 0.73 -30.50 0.24
C ASP B 165 -0.64 -29.80 0.17
N GLY B 166 -0.80 -28.83 -0.71
CA GLY B 166 -2.03 -28.10 -0.88
C GLY B 166 -2.23 -26.95 0.06
N ARG B 167 -1.20 -26.59 0.83
CA ARG B 167 -1.31 -25.43 1.70
C ARG B 167 0.03 -24.73 1.78
N LEU B 168 -0.02 -23.49 2.27
CA LEU B 168 1.16 -22.66 2.40
C LEU B 168 1.66 -22.71 3.85
N SER B 169 2.89 -23.19 4.02
CA SER B 169 3.61 -23.07 5.27
C SER B 169 4.09 -21.62 5.43
N LEU B 170 4.63 -21.29 6.61
CA LEU B 170 5.25 -19.98 6.75
C LEU B 170 6.41 -19.83 5.76
N GLU B 171 7.21 -20.90 5.57
CA GLU B 171 8.28 -20.84 4.57
C GLU B 171 7.71 -20.57 3.17
N ASP B 172 6.62 -21.26 2.81
CA ASP B 172 6.02 -21.06 1.49
C ASP B 172 5.62 -19.59 1.31
N PHE B 173 4.95 -19.06 2.31
CA PHE B 173 4.46 -17.69 2.27
C PHE B 173 5.62 -16.71 2.19
N GLN B 174 6.64 -16.92 3.02
CA GLN B 174 7.79 -16.01 2.98
C GLN B 174 8.45 -15.99 1.61
N ASN B 175 8.67 -17.18 1.03
CA ASN B 175 9.30 -17.26 -0.28
C ASN B 175 8.43 -16.64 -1.35
N MET B 176 7.12 -16.76 -1.22
CA MET B 176 6.25 -16.15 -2.23
C MET B 176 6.43 -14.65 -2.25
N ILE B 177 6.42 -14.03 -1.07
CA ILE B 177 6.58 -12.59 -0.99
C ILE B 177 7.95 -12.17 -1.53
N LEU B 178 8.99 -12.94 -1.21
CA LEU B 178 10.33 -12.60 -1.66
C LEU B 178 10.53 -12.87 -3.15
N ARG B 179 9.67 -13.69 -3.76
CA ARG B 179 9.95 -14.23 -5.09
C ARG B 179 9.84 -13.18 -6.19
N ALA B 180 8.96 -12.20 -6.03
CA ALA B 180 8.74 -11.31 -7.14
C ALA B 180 8.57 -9.87 -6.66
N PRO B 181 8.89 -8.91 -7.52
CA PRO B 181 8.72 -7.51 -7.14
C PRO B 181 7.25 -7.17 -7.09
N ASP B 182 6.94 -6.22 -6.22
CA ASP B 182 5.60 -5.65 -6.19
C ASP B 182 5.58 -4.61 -7.30
N PHE B 183 5.05 -4.99 -8.46
CA PHE B 183 5.06 -4.05 -9.58
C PHE B 183 4.16 -2.85 -9.35
N LEU B 184 3.23 -2.92 -8.41
CA LEU B 184 2.33 -1.79 -8.20
C LEU B 184 2.71 -0.96 -6.99
N SER B 185 3.81 -1.31 -6.32
CA SER B 185 4.18 -0.58 -5.11
C SER B 185 4.41 0.89 -5.41
N THR B 186 4.86 1.21 -6.62
CA THR B 186 5.16 2.59 -6.93
C THR B 186 3.93 3.35 -7.40
N PHE B 187 2.75 2.70 -7.39
CA PHE B 187 1.49 3.32 -7.80
C PHE B 187 0.53 3.52 -6.63
N HIS B 188 1.05 3.58 -5.40
CA HIS B 188 0.23 3.89 -4.23
C HIS B 188 0.83 5.15 -3.63
N ILE B 189 0.25 6.30 -3.96
CA ILE B 189 0.80 7.58 -3.56
C ILE B 189 -0.36 8.40 -3.00
N ARG B 190 -0.36 8.60 -1.68
CA ARG B 190 -1.41 9.35 -1.02
C ARG B 190 -1.05 10.83 -0.95
N ILE B 191 -2.06 11.67 -1.11
CA ILE B 191 -1.90 13.11 -1.07
C ILE B 191 -3.22 13.72 -0.58
CA CA C . 8.18 -1.48 -24.84
CA CA D . 3.68 -12.19 -25.02
CA CA E . 6.21 24.90 0.79
CA CA F . 5.57 -21.26 -12.47
CA CA G . -4.91 -22.39 8.67
CA CA H . 3.05 -26.43 1.32
CA CA I . -12.01 9.38 24.55
CA CA J . 13.53 -0.71 20.05
CA CA K . -0.05 -28.11 -8.54
CA CA L . 0.11 -33.37 -3.29
CA CA M . -7.05 -3.93 1.90
C ACT N . -14.52 8.82 25.35
O ACT N . -13.93 7.83 24.82
OXT ACT N . -14.07 9.99 25.66
CH3 ACT N . -16.00 8.58 25.61
H1 ACT N . -16.10 7.84 26.21
H2 ACT N . -16.44 8.34 24.78
H3 ACT N . -16.44 9.36 25.98
#